data_3BSF
#
_entry.id   3BSF
#
_cell.length_a   79.349
_cell.length_b   79.349
_cell.length_c   138.152
_cell.angle_alpha   90.00
_cell.angle_beta   90.00
_cell.angle_gamma   120.00
#
_symmetry.space_group_name_H-M   'P 31 2 1'
#
loop_
_entity.id
_entity.type
_entity.pdbx_description
1 polymer At4g34840
2 non-polymer ADENINE
3 water water
#
_entity_poly.entity_id   1
_entity_poly.type   'polypeptide(L)'
_entity_poly.pdbx_seq_one_letter_code
;MEGVMGQVEKRPISTIVFIVAMQKEAQPLINRLRLVEEVNTPFPKEVTWIMFKGMYKDLNINIVCPGKDSTLGVESVGTV
PASLVTYASILAIQPDLIINAGTAGGFKAKGACISDVYVVSTVAFHDRRIPVPVLDIYGVGMRNTFPTPNLIKELNLKVG
RLSTGDSMDMSPHDEESITANDATVKDMEGAAVAYVADIFKVPTILIKGVTDIVDGNRPTSEEFLENLAAVTAKLDESLT
KVIDFISGKCLSDL
;
_entity_poly.pdbx_strand_id   A,B
#
# COMPACT_ATOMS: atom_id res chain seq x y z
N ARG A 11 -8.19 30.92 11.55
CA ARG A 11 -8.90 29.93 12.42
C ARG A 11 -8.00 28.80 12.96
N PRO A 12 -8.13 28.49 14.27
CA PRO A 12 -7.37 27.46 15.00
C PRO A 12 -7.64 26.00 14.68
N ILE A 13 -6.60 25.20 14.89
CA ILE A 13 -6.66 23.77 14.66
C ILE A 13 -7.69 23.22 15.63
N SER A 14 -8.59 22.39 15.11
CA SER A 14 -9.62 21.83 15.95
C SER A 14 -9.43 20.34 16.18
N THR A 15 -9.25 19.58 15.10
CA THR A 15 -9.08 18.15 15.25
C THR A 15 -7.77 17.57 14.71
N ILE A 16 -7.20 16.65 15.49
CA ILE A 16 -5.95 15.98 15.15
C ILE A 16 -6.09 14.46 15.11
N VAL A 17 -5.89 13.88 13.92
CA VAL A 17 -5.94 12.43 13.80
C VAL A 17 -4.54 11.84 13.78
N PHE A 18 -4.28 10.93 14.72
CA PHE A 18 -3.02 10.23 14.83
C PHE A 18 -3.11 8.88 14.15
N ILE A 19 -2.13 8.57 13.31
CA ILE A 19 -2.09 7.27 12.63
C ILE A 19 -0.92 6.45 13.23
N VAL A 20 -1.23 5.33 13.88
CA VAL A 20 -0.18 4.50 14.44
C VAL A 20 -0.32 3.05 13.94
N ALA A 21 0.80 2.46 13.52
CA ALA A 21 0.83 1.10 12.99
C ALA A 21 0.51 0.08 14.04
N MET A 22 1.10 0.26 15.22
CA MET A 22 0.89 -0.65 16.33
C MET A 22 0.21 0.04 17.50
N GLN A 23 -0.79 -0.61 18.07
CA GLN A 23 -1.47 -0.01 19.20
C GLN A 23 -0.53 0.09 20.39
N LYS A 24 0.42 -0.83 20.48
CA LYS A 24 1.39 -0.81 21.57
C LYS A 24 2.07 0.54 21.63
N GLU A 25 2.52 1.03 20.47
CA GLU A 25 3.23 2.30 20.41
C GLU A 25 2.43 3.49 20.94
N ALA A 26 1.11 3.46 20.72
CA ALA A 26 0.26 4.55 21.16
C ALA A 26 -0.26 4.44 22.59
N GLN A 27 -0.36 3.20 23.09
CA GLN A 27 -0.90 2.95 24.42
C GLN A 27 -0.66 4.02 25.48
N PRO A 28 0.62 4.30 25.84
CA PRO A 28 0.93 5.31 26.86
C PRO A 28 0.16 6.62 26.67
N LEU A 29 0.23 7.17 25.46
CA LEU A 29 -0.46 8.41 25.16
C LEU A 29 -1.94 8.23 25.49
N ILE A 30 -2.55 7.15 24.98
CA ILE A 30 -3.97 6.84 25.22
C ILE A 30 -4.28 6.90 26.72
N ASN A 31 -3.37 6.39 27.53
CA ASN A 31 -3.56 6.39 28.96
C ASN A 31 -3.48 7.79 29.55
N ARG A 32 -2.40 8.51 29.27
CA ARG A 32 -2.23 9.85 29.83
C ARG A 32 -3.37 10.79 29.48
N LEU A 33 -3.85 10.70 28.25
CA LEU A 33 -4.94 11.55 27.78
C LEU A 33 -6.31 10.98 28.09
N ARG A 34 -6.33 9.74 28.56
CA ARG A 34 -7.57 9.06 28.91
C ARG A 34 -8.54 9.06 27.73
N LEU A 35 -8.05 8.66 26.56
CA LEU A 35 -8.87 8.59 25.36
C LEU A 35 -9.77 7.36 25.45
N VAL A 36 -10.96 7.46 24.90
CA VAL A 36 -11.89 6.35 24.92
C VAL A 36 -11.95 5.68 23.56
N GLU A 37 -11.98 4.36 23.55
CA GLU A 37 -12.04 3.64 22.30
C GLU A 37 -13.46 3.71 21.74
N GLU A 38 -13.60 4.30 20.57
CA GLU A 38 -14.90 4.43 19.91
C GLU A 38 -15.39 3.03 19.57
N VAL A 39 -16.63 2.72 19.92
CA VAL A 39 -17.20 1.41 19.64
C VAL A 39 -17.70 1.45 18.20
N ASN A 40 -18.65 2.32 17.94
CA ASN A 40 -19.16 2.46 16.59
C ASN A 40 -18.16 3.31 15.80
N THR A 41 -17.23 2.66 15.13
CA THR A 41 -16.26 3.40 14.36
C THR A 41 -16.98 3.79 13.06
N PRO A 42 -16.53 4.87 12.43
CA PRO A 42 -17.17 5.29 11.18
C PRO A 42 -16.60 4.49 10.00
N PHE A 43 -16.05 3.32 10.30
CA PHE A 43 -15.47 2.48 9.25
C PHE A 43 -16.40 1.32 8.89
N PRO A 44 -16.11 0.64 7.76
CA PRO A 44 -16.93 -0.49 7.33
C PRO A 44 -16.91 -1.59 8.39
N LYS A 45 -18.07 -2.20 8.61
CA LYS A 45 -18.19 -3.25 9.60
C LYS A 45 -17.11 -4.33 9.46
N GLU A 46 -16.59 -4.52 8.25
CA GLU A 46 -15.60 -5.57 8.05
C GLU A 46 -14.13 -5.33 8.37
N VAL A 47 -13.66 -4.09 8.36
CA VAL A 47 -12.25 -3.87 8.68
C VAL A 47 -12.02 -4.13 10.16
N THR A 48 -10.76 -4.21 10.58
CA THR A 48 -10.41 -4.46 11.98
C THR A 48 -9.84 -3.22 12.67
N TRP A 49 -9.96 -2.08 11.99
CA TRP A 49 -9.44 -0.81 12.50
C TRP A 49 -10.08 -0.35 13.80
N ILE A 50 -9.24 0.16 14.70
CA ILE A 50 -9.71 0.66 15.99
C ILE A 50 -9.48 2.18 16.12
N MET A 51 -10.34 2.85 16.86
CA MET A 51 -10.19 4.30 17.01
C MET A 51 -10.38 4.75 18.45
N PHE A 52 -9.54 5.69 18.88
CA PHE A 52 -9.62 6.26 20.23
C PHE A 52 -9.83 7.77 20.10
N LYS A 53 -10.95 8.25 20.63
CA LYS A 53 -11.29 9.67 20.57
C LYS A 53 -11.16 10.30 21.94
N GLY A 54 -10.91 11.60 21.95
CA GLY A 54 -10.76 12.30 23.19
C GLY A 54 -10.62 13.80 22.98
N MET A 55 -10.91 14.58 24.00
CA MET A 55 -10.82 16.02 23.92
C MET A 55 -9.79 16.59 24.89
N TYR A 56 -8.58 16.85 24.39
CA TYR A 56 -7.52 17.41 25.21
C TYR A 56 -7.57 18.92 24.99
N LYS A 57 -7.85 19.65 26.05
CA LYS A 57 -7.99 21.10 25.99
C LYS A 57 -8.92 21.46 24.83
N ASP A 58 -8.44 22.25 23.90
CA ASP A 58 -9.29 22.64 22.78
C ASP A 58 -8.96 21.83 21.53
N LEU A 59 -8.77 20.53 21.70
CA LEU A 59 -8.43 19.66 20.59
C LEU A 59 -9.12 18.30 20.62
N ASN A 60 -9.70 17.91 19.50
CA ASN A 60 -10.35 16.61 19.39
C ASN A 60 -9.29 15.67 18.87
N ILE A 61 -8.65 14.96 19.77
CA ILE A 61 -7.61 14.02 19.40
C ILE A 61 -8.21 12.65 19.04
N ASN A 62 -7.82 12.12 17.88
CA ASN A 62 -8.29 10.82 17.43
C ASN A 62 -7.10 9.97 17.02
N ILE A 63 -6.93 8.83 17.66
CA ILE A 63 -5.84 7.94 17.30
C ILE A 63 -6.44 6.74 16.57
N VAL A 64 -6.11 6.57 15.30
CA VAL A 64 -6.65 5.46 14.55
C VAL A 64 -5.56 4.45 14.25
N CYS A 65 -5.84 3.18 14.48
CA CYS A 65 -4.88 2.11 14.25
C CYS A 65 -5.49 1.03 13.37
N PRO A 66 -4.69 0.45 12.45
CA PRO A 66 -5.22 -0.60 11.57
C PRO A 66 -5.62 -1.86 12.35
N GLY A 67 -5.20 -1.92 13.62
CA GLY A 67 -5.51 -3.06 14.47
C GLY A 67 -4.67 -4.31 14.22
N LYS A 68 -5.25 -5.46 14.54
CA LYS A 68 -4.57 -6.74 14.37
C LYS A 68 -5.17 -7.47 13.18
N ASP A 69 -4.32 -8.19 12.43
CA ASP A 69 -4.76 -8.94 11.24
C ASP A 69 -5.82 -9.96 11.64
N SER A 70 -6.89 -10.04 10.86
CA SER A 70 -7.98 -10.96 11.17
C SER A 70 -7.62 -12.42 10.97
N THR A 71 -6.51 -12.71 10.29
CA THR A 71 -6.12 -14.09 10.08
C THR A 71 -4.98 -14.50 11.00
N LEU A 72 -3.91 -13.71 10.97
CA LEU A 72 -2.73 -13.97 11.79
C LEU A 72 -2.82 -13.45 13.23
N GLY A 73 -3.64 -12.43 13.44
CA GLY A 73 -3.81 -11.88 14.77
C GLY A 73 -2.64 -11.01 15.20
N VAL A 74 -1.83 -10.61 14.24
CA VAL A 74 -0.67 -9.77 14.53
C VAL A 74 -0.98 -8.38 14.00
N GLU A 75 -0.38 -7.31 14.55
CA GLU A 75 -0.69 -5.99 14.02
C GLU A 75 -0.40 -5.86 12.54
N SER A 76 -1.36 -5.28 11.82
CA SER A 76 -1.26 -5.09 10.38
C SER A 76 -0.37 -3.90 10.01
N VAL A 77 0.94 -4.10 10.11
CA VAL A 77 1.93 -3.08 9.78
C VAL A 77 2.15 -3.05 8.27
N GLY A 78 2.91 -2.09 7.79
CA GLY A 78 3.17 -2.01 6.36
C GLY A 78 2.49 -0.85 5.68
N THR A 79 2.92 -0.56 4.46
CA THR A 79 2.37 0.56 3.70
C THR A 79 0.92 0.40 3.24
N VAL A 80 0.49 -0.82 2.92
CA VAL A 80 -0.89 -1.03 2.49
C VAL A 80 -1.96 -0.73 3.54
N PRO A 81 -1.82 -1.26 4.77
CA PRO A 81 -2.81 -0.99 5.81
C PRO A 81 -2.74 0.47 6.27
N ALA A 82 -1.53 1.00 6.25
CA ALA A 82 -1.27 2.38 6.66
C ALA A 82 -1.92 3.36 5.72
N SER A 83 -1.96 3.03 4.43
CA SER A 83 -2.57 3.95 3.49
C SER A 83 -4.08 3.82 3.57
N LEU A 84 -4.60 2.60 3.56
CA LEU A 84 -6.03 2.37 3.65
C LEU A 84 -6.61 3.15 4.84
N VAL A 85 -6.03 2.93 6.02
CA VAL A 85 -6.45 3.63 7.22
C VAL A 85 -6.42 5.16 7.05
N THR A 86 -5.31 5.69 6.52
CA THR A 86 -5.18 7.13 6.36
C THR A 86 -6.22 7.74 5.42
N TYR A 87 -6.67 6.96 4.46
CA TYR A 87 -7.68 7.40 3.50
C TYR A 87 -9.02 7.48 4.23
N ALA A 88 -9.43 6.34 4.78
CA ALA A 88 -10.68 6.21 5.51
C ALA A 88 -10.85 7.23 6.60
N SER A 89 -9.81 7.47 7.38
CA SER A 89 -9.89 8.45 8.45
C SER A 89 -10.11 9.86 7.90
N ILE A 90 -9.31 10.22 6.89
CA ILE A 90 -9.44 11.52 6.27
C ILE A 90 -10.89 11.71 5.86
N LEU A 91 -11.41 10.83 5.01
CA LEU A 91 -12.77 10.96 4.57
C LEU A 91 -13.76 10.94 5.72
N ALA A 92 -13.54 10.05 6.67
CA ALA A 92 -14.44 9.95 7.81
C ALA A 92 -14.33 11.15 8.71
N ILE A 93 -13.52 11.04 9.75
CA ILE A 93 -13.39 12.12 10.72
C ILE A 93 -12.50 13.25 10.24
N GLN A 94 -12.77 13.72 9.03
CA GLN A 94 -12.02 14.80 8.39
C GLN A 94 -11.24 15.68 9.36
N PRO A 95 -9.93 15.42 9.53
CA PRO A 95 -9.08 16.18 10.43
C PRO A 95 -8.45 17.44 9.84
N ASP A 96 -7.99 18.31 10.74
CA ASP A 96 -7.34 19.54 10.36
C ASP A 96 -5.85 19.22 10.22
N LEU A 97 -5.40 18.32 11.06
CA LEU A 97 -3.99 17.93 11.07
C LEU A 97 -3.83 16.45 11.35
N ILE A 98 -3.11 15.77 10.46
CA ILE A 98 -2.88 14.36 10.65
C ILE A 98 -1.39 14.14 10.99
N ILE A 99 -1.16 13.34 12.03
CA ILE A 99 0.19 13.04 12.48
C ILE A 99 0.45 11.55 12.53
N ASN A 100 1.58 11.15 11.96
CA ASN A 100 2.00 9.75 11.93
C ASN A 100 3.16 9.49 12.87
N ALA A 101 2.87 8.86 14.00
CA ALA A 101 3.91 8.56 14.98
C ALA A 101 4.22 7.06 15.13
N GLY A 102 5.39 6.78 15.71
CA GLY A 102 5.80 5.40 15.91
C GLY A 102 7.31 5.26 16.03
N THR A 103 7.75 4.08 16.41
CA THR A 103 9.16 3.81 16.56
C THR A 103 9.82 3.59 15.20
N ALA A 104 11.15 3.59 15.16
CA ALA A 104 11.85 3.39 13.89
C ALA A 104 13.33 3.01 14.02
N GLY A 105 13.96 2.80 12.87
CA GLY A 105 15.37 2.46 12.83
C GLY A 105 16.20 3.72 12.64
N GLY A 106 17.32 3.81 13.35
CA GLY A 106 18.18 4.97 13.22
C GLY A 106 19.54 4.60 12.65
N PHE A 107 20.21 5.57 12.03
CA PHE A 107 21.55 5.34 11.47
C PHE A 107 22.52 6.22 12.27
N LYS A 108 23.38 5.61 13.08
CA LYS A 108 24.30 6.41 13.89
C LYS A 108 25.24 7.24 13.01
N ALA A 109 25.44 6.80 11.77
CA ALA A 109 26.28 7.52 10.81
C ALA A 109 25.74 8.95 10.60
N LYS A 110 24.43 9.11 10.79
CA LYS A 110 23.78 10.40 10.64
C LYS A 110 23.49 10.97 12.02
N GLY A 111 24.15 10.43 13.04
CA GLY A 111 23.99 10.91 14.40
C GLY A 111 22.77 10.45 15.19
N ALA A 112 22.17 9.35 14.77
CA ALA A 112 20.98 8.86 15.46
C ALA A 112 21.25 7.96 16.65
N CYS A 113 21.00 8.46 17.84
CA CYS A 113 21.19 7.64 19.03
C CYS A 113 19.87 6.91 19.30
N ILE A 114 19.95 5.85 20.09
CA ILE A 114 18.73 5.11 20.43
C ILE A 114 17.88 6.08 21.24
N SER A 115 16.58 5.82 21.30
CA SER A 115 15.66 6.67 22.06
C SER A 115 15.47 8.11 21.54
N ASP A 116 16.19 8.49 20.48
CA ASP A 116 16.05 9.82 19.92
C ASP A 116 14.66 10.05 19.34
N VAL A 117 14.17 11.28 19.39
CA VAL A 117 12.85 11.60 18.83
C VAL A 117 12.94 12.65 17.72
N TYR A 118 12.92 12.18 16.49
CA TYR A 118 13.00 13.07 15.36
C TYR A 118 11.64 13.47 14.79
N VAL A 119 11.65 14.57 14.05
CA VAL A 119 10.48 15.10 13.37
C VAL A 119 10.89 15.04 11.89
N VAL A 120 10.34 14.06 11.19
CA VAL A 120 10.64 13.86 9.77
C VAL A 120 10.40 15.14 8.96
N SER A 121 11.38 15.48 8.12
CA SER A 121 11.35 16.67 7.27
C SER A 121 10.84 16.34 5.89
N THR A 122 11.43 15.28 5.33
CA THR A 122 11.08 14.81 4.01
C THR A 122 11.14 13.29 4.12
N VAL A 123 10.18 12.63 3.48
CA VAL A 123 10.12 11.17 3.50
C VAL A 123 10.02 10.61 2.08
N ALA A 124 10.53 9.40 1.91
CA ALA A 124 10.50 8.75 0.61
C ALA A 124 10.54 7.22 0.73
N PHE A 125 10.32 6.55 -0.40
CA PHE A 125 10.33 5.09 -0.43
C PHE A 125 11.72 4.62 -0.86
N HIS A 126 12.23 3.60 -0.18
CA HIS A 126 13.52 3.05 -0.52
C HIS A 126 13.41 1.63 -1.12
N ASP A 127 12.19 1.08 -1.12
CA ASP A 127 11.95 -0.27 -1.66
C ASP A 127 11.03 -0.37 -2.89
N ARG A 128 10.90 0.71 -3.67
CA ARG A 128 10.06 0.72 -4.88
C ARG A 128 10.91 1.15 -6.07
N ARG A 129 11.86 0.28 -6.40
CA ARG A 129 12.81 0.50 -7.47
C ARG A 129 12.27 0.15 -8.86
N ILE A 130 11.89 1.16 -9.63
CA ILE A 130 11.37 0.94 -10.98
C ILE A 130 12.35 1.58 -11.95
N PRO A 131 13.24 0.76 -12.55
CA PRO A 131 14.28 1.19 -13.51
C PRO A 131 13.74 1.78 -14.82
N VAL A 132 12.95 2.85 -14.70
CA VAL A 132 12.37 3.51 -15.85
C VAL A 132 12.49 5.03 -15.69
N PRO A 133 12.66 5.76 -16.80
CA PRO A 133 12.81 7.21 -16.87
C PRO A 133 12.11 8.08 -15.80
N VAL A 134 10.77 8.15 -15.81
CA VAL A 134 10.07 8.97 -14.82
C VAL A 134 9.49 8.14 -13.68
N LEU A 135 9.21 6.88 -13.99
CA LEU A 135 8.66 5.94 -13.01
C LEU A 135 9.55 5.68 -11.82
N ASP A 136 10.86 5.87 -11.98
CA ASP A 136 11.76 5.64 -10.86
C ASP A 136 11.65 6.75 -9.81
N ILE A 137 11.24 7.95 -10.25
CA ILE A 137 11.06 9.09 -9.35
C ILE A 137 9.76 8.87 -8.60
N TYR A 138 8.79 8.31 -9.32
CA TYR A 138 7.51 8.00 -8.73
C TYR A 138 7.77 6.98 -7.63
N GLY A 139 8.59 5.99 -7.97
CA GLY A 139 8.95 4.93 -7.05
C GLY A 139 9.45 5.46 -5.72
N VAL A 140 10.42 6.36 -5.80
CA VAL A 140 10.97 6.98 -4.61
C VAL A 140 9.85 7.82 -3.99
N GLY A 141 9.00 8.38 -4.86
CA GLY A 141 7.90 9.21 -4.44
C GLY A 141 8.21 10.03 -3.21
N MET A 142 9.26 10.82 -3.29
CA MET A 142 9.66 11.66 -2.15
C MET A 142 8.73 12.85 -1.97
N ARG A 143 8.45 13.20 -0.72
CA ARG A 143 7.61 14.35 -0.43
C ARG A 143 7.90 15.02 0.92
N ASN A 144 7.52 16.27 1.04
CA ASN A 144 7.72 17.08 2.26
C ASN A 144 6.61 16.90 3.28
N THR A 145 6.93 17.26 4.52
CA THR A 145 5.97 17.19 5.61
C THR A 145 5.55 18.63 5.86
N PHE A 146 4.45 18.83 6.58
CA PHE A 146 3.99 20.18 6.87
C PHE A 146 5.07 20.89 7.70
N PRO A 147 5.44 22.11 7.29
CA PRO A 147 6.47 22.89 8.00
C PRO A 147 6.11 23.34 9.41
N THR A 148 6.86 22.85 10.40
CA THR A 148 6.62 23.19 11.81
C THR A 148 7.93 23.61 12.53
N PRO A 149 8.46 24.79 12.18
CA PRO A 149 9.68 25.37 12.74
C PRO A 149 9.57 25.78 14.19
N ASN A 150 8.43 26.33 14.57
CA ASN A 150 8.20 26.75 15.95
C ASN A 150 8.17 25.53 16.85
N LEU A 151 7.68 24.41 16.33
CA LEU A 151 7.62 23.18 17.12
C LEU A 151 9.05 22.68 17.35
N ILE A 152 9.76 22.38 16.26
CA ILE A 152 11.14 21.87 16.35
C ILE A 152 12.05 22.87 17.10
N LYS A 153 11.69 24.15 17.02
CA LYS A 153 12.42 25.22 17.68
C LYS A 153 12.07 25.24 19.16
N GLU A 154 10.80 25.50 19.47
CA GLU A 154 10.34 25.55 20.87
C GLU A 154 10.70 24.28 21.62
N LEU A 155 10.10 23.17 21.22
CA LEU A 155 10.35 21.86 21.84
C LEU A 155 11.77 21.35 21.59
N ASN A 156 12.52 22.08 20.77
CA ASN A 156 13.91 21.71 20.48
C ASN A 156 14.05 20.21 20.15
N LEU A 157 13.47 19.82 19.03
CA LEU A 157 13.51 18.43 18.59
C LEU A 157 14.53 18.19 17.49
N LYS A 158 14.83 16.91 17.27
CA LYS A 158 15.77 16.48 16.23
C LYS A 158 15.03 16.38 14.88
N VAL A 159 15.67 16.83 13.81
CA VAL A 159 15.05 16.77 12.50
C VAL A 159 15.87 15.85 11.61
N GLY A 160 15.20 15.15 10.70
CA GLY A 160 15.90 14.25 9.80
C GLY A 160 14.98 13.73 8.74
N ARG A 161 15.54 13.12 7.70
CA ARG A 161 14.74 12.55 6.62
C ARG A 161 14.37 11.10 6.95
N LEU A 162 13.22 10.67 6.46
CA LEU A 162 12.75 9.32 6.70
C LEU A 162 12.72 8.50 5.41
N SER A 163 13.03 7.21 5.50
CA SER A 163 12.97 6.34 4.35
C SER A 163 11.97 5.25 4.76
N THR A 164 11.10 4.85 3.83
CA THR A 164 10.08 3.86 4.17
C THR A 164 10.18 2.63 3.31
N GLY A 165 9.90 1.48 3.90
CA GLY A 165 9.97 0.23 3.17
C GLY A 165 9.22 -0.89 3.88
N ASP A 166 8.65 -1.81 3.11
CA ASP A 166 7.86 -2.90 3.68
C ASP A 166 8.65 -4.00 4.37
N SER A 167 9.96 -3.86 4.43
CA SER A 167 10.78 -4.85 5.10
C SER A 167 11.41 -4.27 6.35
N MET A 168 11.48 -5.06 7.39
CA MET A 168 12.08 -4.62 8.64
C MET A 168 13.58 -4.83 8.56
N ASP A 169 14.01 -5.80 7.77
CA ASP A 169 15.44 -6.02 7.61
C ASP A 169 15.90 -4.92 6.66
N MET A 170 17.02 -5.15 5.98
CA MET A 170 17.55 -4.19 5.03
C MET A 170 18.51 -4.86 4.06
N SER A 171 18.06 -5.10 2.84
CA SER A 171 18.94 -5.72 1.84
C SER A 171 19.99 -4.70 1.40
N PRO A 172 21.03 -5.17 0.66
CA PRO A 172 22.03 -4.19 0.23
C PRO A 172 21.37 -3.17 -0.70
N HIS A 173 20.29 -3.58 -1.36
CA HIS A 173 19.52 -2.74 -2.27
C HIS A 173 18.77 -1.64 -1.49
N ASP A 174 18.25 -1.99 -0.32
CA ASP A 174 17.53 -1.00 0.47
C ASP A 174 18.57 -0.01 0.99
N GLU A 175 19.70 -0.52 1.42
CA GLU A 175 20.78 0.31 1.95
C GLU A 175 21.24 1.40 0.98
N GLU A 176 21.46 1.04 -0.29
CA GLU A 176 21.88 2.03 -1.28
C GLU A 176 20.81 3.12 -1.49
N SER A 177 19.53 2.73 -1.53
CA SER A 177 18.44 3.69 -1.73
C SER A 177 18.25 4.58 -0.51
N ILE A 178 18.26 3.98 0.68
CA ILE A 178 18.10 4.76 1.91
C ILE A 178 19.22 5.81 1.95
N THR A 179 20.33 5.47 1.30
CA THR A 179 21.51 6.32 1.23
C THR A 179 21.28 7.44 0.21
N ALA A 180 20.58 7.11 -0.87
CA ALA A 180 20.27 8.07 -1.92
C ALA A 180 19.13 9.00 -1.46
N ASN A 181 18.44 8.60 -0.39
CA ASN A 181 17.36 9.40 0.18
C ASN A 181 17.94 10.24 1.30
N ASP A 182 19.14 9.88 1.75
CA ASP A 182 19.86 10.58 2.82
C ASP A 182 19.08 10.46 4.14
N ALA A 183 18.37 9.34 4.29
CA ALA A 183 17.56 9.10 5.47
C ALA A 183 18.34 8.96 6.77
N THR A 184 17.79 9.53 7.83
CA THR A 184 18.42 9.45 9.14
C THR A 184 17.63 8.40 9.92
N VAL A 185 16.32 8.33 9.66
CA VAL A 185 15.42 7.38 10.30
C VAL A 185 14.86 6.42 9.24
N LYS A 186 14.46 5.23 9.67
CA LYS A 186 13.95 4.18 8.77
C LYS A 186 12.69 3.50 9.35
N ASP A 187 11.62 3.42 8.56
CA ASP A 187 10.39 2.80 9.03
C ASP A 187 9.62 2.10 7.90
N MET A 188 8.42 1.59 8.24
CA MET A 188 7.61 0.85 7.29
C MET A 188 6.29 1.46 6.82
N GLU A 189 5.97 2.69 7.18
CA GLU A 189 4.68 3.24 6.77
C GLU A 189 4.63 4.73 6.43
N GLY A 190 5.46 5.51 7.10
CA GLY A 190 5.50 6.95 6.89
C GLY A 190 5.29 7.48 5.48
N ALA A 191 6.08 7.00 4.53
CA ALA A 191 5.97 7.45 3.16
C ALA A 191 4.58 7.22 2.61
N ALA A 192 3.98 6.10 2.99
CA ALA A 192 2.63 5.77 2.53
C ALA A 192 1.57 6.73 3.09
N VAL A 193 1.67 7.05 4.37
CA VAL A 193 0.72 7.96 4.98
C VAL A 193 0.77 9.32 4.27
N ALA A 194 1.97 9.89 4.17
CA ALA A 194 2.20 11.18 3.54
C ALA A 194 1.62 11.24 2.13
N TYR A 195 1.60 10.10 1.45
CA TYR A 195 1.05 10.09 0.10
C TYR A 195 -0.46 10.36 0.11
N VAL A 196 -1.19 9.60 0.91
CA VAL A 196 -2.63 9.77 0.95
C VAL A 196 -3.00 11.18 1.39
N ALA A 197 -2.53 11.60 2.55
CA ALA A 197 -2.84 12.93 3.07
C ALA A 197 -2.51 14.04 2.07
N ASP A 198 -1.51 13.79 1.24
CA ASP A 198 -1.06 14.73 0.22
C ASP A 198 -2.07 14.90 -0.94
N ILE A 199 -2.87 13.85 -1.21
CA ILE A 199 -3.85 13.93 -2.28
C ILE A 199 -5.01 14.81 -1.80
N PHE A 200 -5.39 14.65 -0.52
CA PHE A 200 -6.47 15.46 0.05
C PHE A 200 -5.84 16.73 0.61
N LYS A 201 -4.59 16.97 0.24
CA LYS A 201 -3.85 18.14 0.70
C LYS A 201 -4.08 18.56 2.15
N VAL A 202 -4.04 17.61 3.08
CA VAL A 202 -4.22 17.94 4.49
C VAL A 202 -2.87 17.98 5.21
N PRO A 203 -2.66 19.00 6.09
CA PRO A 203 -1.43 19.19 6.87
C PRO A 203 -0.97 17.88 7.50
N THR A 204 0.30 17.53 7.35
CA THR A 204 0.78 16.27 7.87
C THR A 204 2.14 16.34 8.57
N ILE A 205 2.25 15.62 9.68
CA ILE A 205 3.49 15.59 10.45
C ILE A 205 3.88 14.14 10.80
N LEU A 206 5.18 13.86 10.73
CA LEU A 206 5.67 12.51 11.03
C LEU A 206 6.70 12.56 12.16
N ILE A 207 6.41 11.82 13.21
CA ILE A 207 7.28 11.79 14.37
C ILE A 207 7.76 10.35 14.62
N LYS A 208 9.07 10.16 14.68
CA LYS A 208 9.62 8.81 14.86
C LYS A 208 10.57 8.62 16.05
N GLY A 209 10.32 7.57 16.84
CA GLY A 209 11.16 7.25 17.99
C GLY A 209 12.15 6.16 17.64
N VAL A 210 13.44 6.47 17.71
CA VAL A 210 14.49 5.52 17.35
C VAL A 210 14.66 4.40 18.35
N THR A 211 14.35 3.18 17.94
CA THR A 211 14.45 2.02 18.83
C THR A 211 15.58 1.06 18.47
N ASP A 212 16.07 1.18 17.25
CA ASP A 212 17.13 0.30 16.79
C ASP A 212 18.12 1.04 15.89
N ILE A 213 19.41 0.85 16.16
CA ILE A 213 20.42 1.49 15.34
C ILE A 213 20.76 0.48 14.25
N VAL A 214 20.22 0.74 13.07
CA VAL A 214 20.43 -0.13 11.91
C VAL A 214 21.91 -0.36 11.61
N ASP A 215 22.70 0.72 11.57
CA ASP A 215 24.13 0.62 11.28
C ASP A 215 24.98 0.12 12.44
N GLY A 216 24.32 -0.33 13.51
CA GLY A 216 25.04 -0.83 14.67
C GLY A 216 25.20 -2.35 14.69
N ASN A 217 25.12 -2.94 15.88
CA ASN A 217 25.26 -4.38 16.02
C ASN A 217 23.94 -5.09 16.21
N ARG A 218 22.83 -4.34 16.17
CA ARG A 218 21.53 -4.95 16.39
C ARG A 218 21.73 -5.75 17.68
N PRO A 219 21.82 -5.04 18.83
CA PRO A 219 22.02 -5.56 20.20
C PRO A 219 21.42 -6.92 20.55
N THR A 220 20.89 -7.04 21.76
CA THR A 220 20.31 -8.31 22.23
C THR A 220 18.79 -8.31 22.24
N SER A 221 18.23 -8.64 23.40
CA SER A 221 16.78 -8.64 23.58
C SER A 221 16.49 -7.24 24.10
N GLU A 222 17.34 -6.30 23.69
CA GLU A 222 17.22 -4.91 24.08
C GLU A 222 16.50 -4.12 23.00
N GLU A 223 17.27 -3.54 22.09
CA GLU A 223 16.74 -2.73 21.00
C GLU A 223 15.50 -3.36 20.34
N PHE A 224 15.49 -4.67 20.23
CA PHE A 224 14.35 -5.33 19.62
C PHE A 224 13.20 -5.55 20.62
N LEU A 225 13.53 -5.69 21.91
CA LEU A 225 12.49 -5.90 22.95
C LEU A 225 12.39 -4.80 24.00
N GLU A 226 13.45 -4.56 24.76
CA GLU A 226 13.42 -3.54 25.81
C GLU A 226 13.15 -2.14 25.25
N ASN A 227 14.13 -1.59 24.54
CA ASN A 227 14.02 -0.25 23.97
C ASN A 227 12.64 0.11 23.44
N LEU A 228 11.92 -0.89 22.93
CA LEU A 228 10.58 -0.65 22.41
C LEU A 228 9.61 -0.25 23.54
N ALA A 229 10.14 -0.23 24.75
CA ALA A 229 9.40 0.15 25.95
C ALA A 229 10.00 1.45 26.44
N ALA A 230 11.33 1.46 26.53
CA ALA A 230 12.07 2.64 26.96
C ALA A 230 11.83 3.83 26.04
N VAL A 231 11.85 3.58 24.74
CA VAL A 231 11.64 4.63 23.75
C VAL A 231 10.17 4.90 23.57
N THR A 232 9.37 3.85 23.44
CA THR A 232 7.93 4.01 23.27
C THR A 232 7.40 4.90 24.40
N ALA A 233 8.18 4.96 25.47
CA ALA A 233 7.84 5.77 26.62
C ALA A 233 8.26 7.20 26.33
N LYS A 234 9.52 7.38 25.96
CA LYS A 234 10.05 8.71 25.62
C LYS A 234 9.21 9.32 24.48
N LEU A 235 8.78 8.47 23.55
CA LEU A 235 7.99 8.91 22.43
C LEU A 235 6.68 9.52 22.97
N ASP A 236 5.99 8.78 23.82
CA ASP A 236 4.75 9.24 24.42
C ASP A 236 4.96 10.62 25.06
N GLU A 237 5.85 10.70 26.03
CA GLU A 237 6.16 11.95 26.72
C GLU A 237 6.29 13.09 25.71
N SER A 238 6.95 12.80 24.59
CA SER A 238 7.17 13.78 23.54
C SER A 238 5.91 14.19 22.78
N LEU A 239 5.11 13.20 22.36
CA LEU A 239 3.88 13.50 21.63
C LEU A 239 2.97 14.39 22.48
N THR A 240 2.85 14.09 23.77
CA THR A 240 2.03 14.88 24.66
C THR A 240 2.41 16.36 24.55
N LYS A 241 3.69 16.65 24.79
CA LYS A 241 4.20 18.00 24.73
C LYS A 241 4.00 18.62 23.34
N VAL A 242 3.86 17.78 22.31
CA VAL A 242 3.62 18.27 20.95
C VAL A 242 2.15 18.70 20.86
N ILE A 243 1.25 17.86 21.40
CA ILE A 243 -0.19 18.12 21.40
C ILE A 243 -0.42 19.39 22.19
N ASP A 244 0.28 19.45 23.32
CA ASP A 244 0.22 20.57 24.23
C ASP A 244 0.63 21.90 23.56
N PHE A 245 1.62 21.84 22.66
CA PHE A 245 2.14 23.00 21.95
C PHE A 245 1.18 23.50 20.88
N ILE A 246 0.53 22.56 20.19
CA ILE A 246 -0.41 22.88 19.13
C ILE A 246 -1.69 23.49 19.68
N SER A 247 -2.20 22.90 20.76
CA SER A 247 -3.45 23.36 21.39
C SER A 247 -3.51 24.89 21.47
N GLY A 248 -4.49 25.46 20.76
CA GLY A 248 -4.64 26.90 20.78
C GLY A 248 -4.11 27.63 19.57
N LYS A 249 -3.22 26.98 18.81
CA LYS A 249 -2.64 27.60 17.63
C LYS A 249 -3.34 27.39 16.27
N CYS A 250 -2.86 28.09 15.24
CA CYS A 250 -3.39 27.95 13.88
C CYS A 250 -2.35 27.17 13.11
N LEU A 251 -2.73 26.62 11.96
CA LEU A 251 -1.79 25.82 11.18
C LEU A 251 -0.54 26.56 10.79
N SER A 252 -0.54 27.87 10.98
CA SER A 252 0.61 28.67 10.62
C SER A 252 1.46 29.03 11.83
N ASP A 253 0.89 28.90 13.02
CA ASP A 253 1.62 29.23 14.23
C ASP A 253 2.58 28.11 14.65
N LEU A 254 2.48 26.98 13.98
CA LEU A 254 3.32 25.82 14.27
C LEU A 254 4.67 25.95 13.59
N ARG B 11 -27.80 -16.91 -7.36
CA ARG B 11 -28.14 -15.69 -8.17
C ARG B 11 -26.99 -15.39 -9.11
N PRO B 12 -27.31 -15.16 -10.41
CA PRO B 12 -26.24 -14.87 -11.39
C PRO B 12 -25.41 -13.63 -11.11
N ILE B 13 -24.17 -13.67 -11.59
CA ILE B 13 -23.23 -12.56 -11.45
C ILE B 13 -23.81 -11.39 -12.23
N SER B 14 -23.84 -10.23 -11.60
CA SER B 14 -24.39 -9.08 -12.27
C SER B 14 -23.34 -8.05 -12.65
N THR B 15 -22.50 -7.68 -11.69
CA THR B 15 -21.48 -6.68 -11.95
C THR B 15 -20.05 -7.13 -11.68
N ILE B 16 -19.17 -6.77 -12.62
CA ILE B 16 -17.75 -7.10 -12.58
C ILE B 16 -16.88 -5.86 -12.61
N VAL B 17 -16.10 -5.65 -11.56
CA VAL B 17 -15.18 -4.52 -11.51
C VAL B 17 -13.75 -4.98 -11.80
N PHE B 18 -13.18 -4.41 -12.85
CA PHE B 18 -11.80 -4.69 -13.26
C PHE B 18 -10.86 -3.66 -12.65
N ILE B 19 -9.75 -4.11 -12.09
CA ILE B 19 -8.76 -3.20 -11.50
C ILE B 19 -7.49 -3.30 -12.37
N VAL B 20 -7.11 -2.21 -13.02
CA VAL B 20 -5.90 -2.22 -13.84
C VAL B 20 -4.96 -1.09 -13.40
N ALA B 21 -3.67 -1.40 -13.30
CA ALA B 21 -2.69 -0.41 -12.85
C ALA B 21 -2.42 0.66 -13.90
N MET B 22 -2.42 0.24 -15.16
CA MET B 22 -2.18 1.16 -16.24
C MET B 22 -3.34 1.12 -17.18
N GLN B 23 -3.79 2.30 -17.59
CA GLN B 23 -4.90 2.39 -18.52
C GLN B 23 -4.49 1.81 -19.87
N LYS B 24 -3.20 1.89 -20.21
CA LYS B 24 -2.70 1.34 -21.46
C LYS B 24 -3.07 -0.13 -21.58
N GLU B 25 -2.87 -0.87 -20.51
CA GLU B 25 -3.14 -2.30 -20.50
C GLU B 25 -4.60 -2.62 -20.78
N ALA B 26 -5.51 -1.78 -20.31
CA ALA B 26 -6.94 -2.00 -20.49
C ALA B 26 -7.53 -1.46 -21.80
N GLN B 27 -6.91 -0.43 -22.35
CA GLN B 27 -7.40 0.20 -23.56
C GLN B 27 -8.11 -0.68 -24.59
N PRO B 28 -7.42 -1.69 -25.15
CA PRO B 28 -8.05 -2.57 -26.14
C PRO B 28 -9.44 -3.06 -25.72
N LEU B 29 -9.51 -3.64 -24.51
CA LEU B 29 -10.76 -4.14 -23.97
C LEU B 29 -11.81 -3.03 -24.02
N ILE B 30 -11.45 -1.86 -23.47
CA ILE B 30 -12.33 -0.68 -23.45
C ILE B 30 -12.87 -0.39 -24.86
N ASN B 31 -12.02 -0.53 -25.87
CA ASN B 31 -12.46 -0.29 -27.24
C ASN B 31 -13.40 -1.36 -27.76
N ARG B 32 -13.02 -2.64 -27.64
CA ARG B 32 -13.88 -3.72 -28.14
C ARG B 32 -15.26 -3.73 -27.50
N LEU B 33 -15.33 -3.41 -26.20
CA LEU B 33 -16.59 -3.41 -25.47
C LEU B 33 -17.28 -2.05 -25.55
N ARG B 34 -16.58 -1.06 -26.09
CA ARG B 34 -17.12 0.29 -26.22
C ARG B 34 -17.61 0.83 -24.87
N LEU B 35 -16.74 0.73 -23.85
CA LEU B 35 -17.07 1.21 -22.52
C LEU B 35 -16.93 2.73 -22.51
N VAL B 36 -17.78 3.38 -21.74
CA VAL B 36 -17.73 4.83 -21.66
C VAL B 36 -17.08 5.24 -20.35
N GLU B 37 -16.24 6.27 -20.42
CA GLU B 37 -15.59 6.75 -19.22
C GLU B 37 -16.56 7.59 -18.39
N GLU B 38 -16.85 7.12 -17.18
CA GLU B 38 -17.75 7.82 -16.29
C GLU B 38 -17.13 9.17 -15.97
N VAL B 39 -17.92 10.24 -16.06
CA VAL B 39 -17.42 11.57 -15.76
C VAL B 39 -17.55 11.76 -14.25
N ASN B 40 -18.76 11.68 -13.74
CA ASN B 40 -18.96 11.81 -12.30
C ASN B 40 -18.63 10.47 -11.71
N THR B 41 -17.40 10.31 -11.25
CA THR B 41 -17.03 9.05 -10.63
C THR B 41 -17.53 9.12 -9.20
N PRO B 42 -17.80 7.97 -8.59
CA PRO B 42 -18.28 7.96 -7.21
C PRO B 42 -17.10 8.10 -6.24
N PHE B 43 -16.00 8.65 -6.74
CA PHE B 43 -14.81 8.83 -5.90
C PHE B 43 -14.66 10.28 -5.43
N PRO B 44 -13.79 10.50 -4.43
CA PRO B 44 -13.58 11.86 -3.92
C PRO B 44 -13.10 12.78 -5.04
N LYS B 45 -13.58 14.01 -5.01
CA LYS B 45 -13.20 14.97 -6.03
C LYS B 45 -11.68 15.07 -6.18
N GLU B 46 -10.92 14.81 -5.12
CA GLU B 46 -9.46 14.94 -5.19
C GLU B 46 -8.60 13.83 -5.77
N VAL B 47 -9.08 12.59 -5.83
CA VAL B 47 -8.25 11.52 -6.40
C VAL B 47 -8.15 11.70 -7.92
N THR B 48 -7.26 10.93 -8.56
CA THR B 48 -7.11 11.01 -10.01
C THR B 48 -7.65 9.75 -10.71
N TRP B 49 -8.32 8.91 -9.94
CA TRP B 49 -8.89 7.67 -10.47
C TRP B 49 -9.90 7.83 -11.59
N ILE B 50 -9.82 6.96 -12.59
CA ILE B 50 -10.74 7.00 -13.72
C ILE B 50 -11.57 5.72 -13.75
N MET B 51 -12.78 5.81 -14.28
CA MET B 51 -13.62 4.63 -14.34
C MET B 51 -14.30 4.52 -15.69
N PHE B 52 -14.41 3.31 -16.22
CA PHE B 52 -15.09 3.06 -17.47
C PHE B 52 -16.21 2.06 -17.21
N LYS B 53 -17.45 2.45 -17.49
CA LYS B 53 -18.61 1.59 -17.26
C LYS B 53 -19.19 1.12 -18.60
N GLY B 54 -19.85 -0.03 -18.60
CA GLY B 54 -20.43 -0.57 -19.80
C GLY B 54 -21.29 -1.79 -19.51
N MET B 55 -22.22 -2.10 -20.40
CA MET B 55 -23.07 -3.25 -20.22
C MET B 55 -22.87 -4.27 -21.34
N TYR B 56 -22.08 -5.30 -21.07
CA TYR B 56 -21.83 -6.35 -22.06
C TYR B 56 -22.81 -7.47 -21.73
N LYS B 57 -23.69 -7.76 -22.67
CA LYS B 57 -24.71 -8.77 -22.46
C LYS B 57 -25.39 -8.54 -21.11
N ASP B 58 -25.38 -9.54 -20.25
CA ASP B 58 -26.01 -9.39 -18.95
C ASP B 58 -25.01 -9.08 -17.84
N LEU B 59 -24.07 -8.19 -18.13
CA LEU B 59 -23.05 -7.84 -17.16
C LEU B 59 -22.70 -6.36 -17.15
N ASN B 60 -22.61 -5.78 -15.95
CA ASN B 60 -22.21 -4.38 -15.80
C ASN B 60 -20.72 -4.37 -15.58
N ILE B 61 -19.97 -4.20 -16.66
CA ILE B 61 -18.52 -4.19 -16.56
C ILE B 61 -18.02 -2.80 -16.18
N ASN B 62 -17.15 -2.74 -15.17
CA ASN B 62 -16.57 -1.49 -14.72
C ASN B 62 -15.07 -1.63 -14.61
N ILE B 63 -14.34 -0.81 -15.34
CA ILE B 63 -12.89 -0.88 -15.29
C ILE B 63 -12.40 0.37 -14.58
N VAL B 64 -11.83 0.19 -13.38
CA VAL B 64 -11.32 1.31 -12.60
C VAL B 64 -9.79 1.32 -12.60
N CYS B 65 -9.21 2.49 -12.84
CA CYS B 65 -7.76 2.64 -12.87
C CYS B 65 -7.34 3.78 -11.96
N PRO B 66 -6.20 3.62 -11.26
CA PRO B 66 -5.72 4.69 -10.36
C PRO B 66 -5.34 5.97 -11.13
N GLY B 67 -5.28 5.85 -12.45
CA GLY B 67 -4.93 6.98 -13.27
C GLY B 67 -3.46 7.34 -13.28
N LYS B 68 -3.18 8.61 -13.57
CA LYS B 68 -1.82 9.12 -13.63
C LYS B 68 -1.55 9.99 -12.41
N ASP B 69 -0.32 9.90 -11.88
CA ASP B 69 0.07 10.68 -10.71
C ASP B 69 -0.10 12.16 -10.96
N SER B 70 -0.69 12.87 -10.00
CA SER B 70 -0.95 14.29 -10.15
C SER B 70 0.30 15.15 -10.14
N THR B 71 1.42 14.59 -9.69
CA THR B 71 2.66 15.36 -9.65
C THR B 71 3.56 14.98 -10.81
N LEU B 72 3.86 13.69 -10.93
CA LEU B 72 4.73 13.18 -11.99
C LEU B 72 4.03 12.97 -13.33
N GLY B 73 2.72 12.80 -13.31
CA GLY B 73 1.99 12.58 -14.55
C GLY B 73 2.19 11.17 -15.13
N VAL B 74 2.74 10.27 -14.34
CA VAL B 74 2.97 8.90 -14.77
C VAL B 74 1.92 8.00 -14.10
N GLU B 75 1.61 6.84 -14.69
CA GLU B 75 0.62 5.93 -14.10
C GLU B 75 1.01 5.64 -12.65
N SER B 76 0.03 5.71 -11.74
CA SER B 76 0.29 5.43 -10.34
C SER B 76 0.24 3.93 -10.05
N VAL B 77 1.31 3.23 -10.41
CA VAL B 77 1.44 1.78 -10.19
C VAL B 77 1.87 1.49 -8.76
N GLY B 78 1.92 0.21 -8.40
CA GLY B 78 2.36 -0.14 -7.07
C GLY B 78 1.21 -0.60 -6.20
N THR B 79 1.56 -1.18 -5.06
CA THR B 79 0.58 -1.73 -4.13
C THR B 79 -0.29 -0.68 -3.43
N VAL B 80 0.28 0.47 -3.08
CA VAL B 80 -0.52 1.48 -2.38
C VAL B 80 -1.72 2.01 -3.18
N PRO B 81 -1.51 2.47 -4.44
CA PRO B 81 -2.61 2.99 -5.25
C PRO B 81 -3.59 1.87 -5.60
N ALA B 82 -3.04 0.66 -5.81
CA ALA B 82 -3.83 -0.51 -6.16
C ALA B 82 -4.76 -0.91 -5.05
N SER B 83 -4.34 -0.74 -3.80
CA SER B 83 -5.21 -1.11 -2.70
C SER B 83 -6.27 -0.04 -2.50
N LEU B 84 -5.86 1.22 -2.44
CA LEU B 84 -6.78 2.34 -2.25
C LEU B 84 -7.93 2.20 -3.26
N VAL B 85 -7.58 2.09 -4.53
CA VAL B 85 -8.58 1.93 -5.61
C VAL B 85 -9.50 0.74 -5.33
N THR B 86 -8.94 -0.43 -5.02
CA THR B 86 -9.76 -1.61 -4.78
C THR B 86 -10.73 -1.45 -3.60
N TYR B 87 -10.35 -0.66 -2.61
CA TYR B 87 -11.19 -0.42 -1.44
C TYR B 87 -12.37 0.44 -1.87
N ALA B 88 -12.04 1.61 -2.40
CA ALA B 88 -12.99 2.58 -2.87
C ALA B 88 -14.02 1.98 -3.84
N SER B 89 -13.53 1.20 -4.81
CA SER B 89 -14.42 0.61 -5.80
C SER B 89 -15.40 -0.35 -5.12
N ILE B 90 -14.86 -1.21 -4.25
CA ILE B 90 -15.69 -2.16 -3.51
C ILE B 90 -16.82 -1.43 -2.80
N LEU B 91 -16.46 -0.46 -1.98
CA LEU B 91 -17.46 0.29 -1.24
C LEU B 91 -18.38 1.06 -2.17
N ALA B 92 -17.82 1.61 -3.23
CA ALA B 92 -18.64 2.37 -4.17
C ALA B 92 -19.53 1.46 -5.00
N ILE B 93 -19.08 1.11 -6.19
CA ILE B 93 -19.88 0.29 -7.08
C ILE B 93 -19.86 -1.17 -6.71
N GLN B 94 -20.13 -1.45 -5.43
CA GLN B 94 -20.15 -2.80 -4.87
C GLN B 94 -20.32 -3.88 -5.92
N PRO B 95 -19.23 -4.54 -6.33
CA PRO B 95 -19.29 -5.59 -7.35
C PRO B 95 -19.52 -6.99 -6.83
N ASP B 96 -19.93 -7.87 -7.74
CA ASP B 96 -20.17 -9.27 -7.41
C ASP B 96 -18.84 -10.00 -7.58
N LEU B 97 -18.08 -9.57 -8.58
CA LEU B 97 -16.80 -10.18 -8.90
C LEU B 97 -15.78 -9.14 -9.30
N ILE B 98 -14.64 -9.15 -8.63
CA ILE B 98 -13.57 -8.21 -8.95
C ILE B 98 -12.40 -8.96 -9.58
N ILE B 99 -11.93 -8.45 -10.70
CA ILE B 99 -10.82 -9.08 -11.42
C ILE B 99 -9.68 -8.10 -11.63
N ASN B 100 -8.47 -8.58 -11.35
CA ASN B 100 -7.24 -7.79 -11.47
C ASN B 100 -6.41 -8.29 -12.63
N ALA B 101 -6.41 -7.53 -13.71
CA ALA B 101 -5.66 -7.91 -14.90
C ALA B 101 -4.48 -6.97 -15.19
N GLY B 102 -3.55 -7.45 -16.01
CA GLY B 102 -2.40 -6.64 -16.38
C GLY B 102 -1.23 -7.50 -16.82
N THR B 103 -0.21 -6.85 -17.35
CA THR B 103 0.98 -7.55 -17.82
C THR B 103 1.86 -7.92 -16.62
N ALA B 104 2.86 -8.78 -16.83
CA ALA B 104 3.74 -9.22 -15.75
C ALA B 104 5.06 -9.88 -16.20
N GLY B 105 5.87 -10.23 -15.21
CA GLY B 105 7.14 -10.90 -15.48
C GLY B 105 6.94 -12.41 -15.39
N GLY B 106 7.58 -13.15 -16.29
CA GLY B 106 7.46 -14.60 -16.28
C GLY B 106 8.81 -15.24 -16.02
N PHE B 107 8.79 -16.46 -15.47
CA PHE B 107 10.02 -17.20 -15.20
C PHE B 107 10.01 -18.44 -16.10
N LYS B 108 10.87 -18.47 -17.12
CA LYS B 108 10.90 -19.61 -18.04
C LYS B 108 11.21 -20.92 -17.30
N ALA B 109 11.89 -20.82 -16.16
CA ALA B 109 12.24 -21.98 -15.34
C ALA B 109 10.95 -22.71 -14.93
N LYS B 110 9.86 -21.94 -14.84
CA LYS B 110 8.56 -22.48 -14.49
C LYS B 110 7.69 -22.61 -15.75
N GLY B 111 8.35 -22.56 -16.91
CA GLY B 111 7.67 -22.73 -18.17
C GLY B 111 6.90 -21.54 -18.73
N ALA B 112 7.25 -20.34 -18.28
CA ALA B 112 6.55 -19.15 -18.74
C ALA B 112 7.11 -18.55 -20.02
N CYS B 113 6.37 -18.70 -21.11
CA CYS B 113 6.80 -18.12 -22.37
C CYS B 113 6.28 -16.68 -22.42
N ILE B 114 6.85 -15.85 -23.28
CA ILE B 114 6.39 -14.49 -23.43
C ILE B 114 4.97 -14.59 -23.99
N SER B 115 4.18 -13.56 -23.78
CA SER B 115 2.80 -13.52 -24.26
C SER B 115 1.83 -14.50 -23.63
N ASP B 116 2.31 -15.36 -22.74
CA ASP B 116 1.43 -16.33 -22.08
C ASP B 116 0.39 -15.63 -21.22
N VAL B 117 -0.77 -16.24 -21.08
CA VAL B 117 -1.82 -15.65 -20.25
C VAL B 117 -2.24 -16.59 -19.14
N TYR B 118 -1.72 -16.35 -17.93
CA TYR B 118 -2.01 -17.18 -16.78
C TYR B 118 -3.16 -16.65 -15.94
N VAL B 119 -3.73 -17.56 -15.15
CA VAL B 119 -4.79 -17.26 -14.20
C VAL B 119 -4.20 -17.58 -12.83
N VAL B 120 -3.76 -16.53 -12.12
CA VAL B 120 -3.15 -16.70 -10.81
C VAL B 120 -3.99 -17.56 -9.88
N SER B 121 -3.33 -18.52 -9.23
CA SER B 121 -3.99 -19.47 -8.31
C SER B 121 -3.88 -18.98 -6.87
N THR B 122 -2.65 -18.64 -6.50
CA THR B 122 -2.36 -18.16 -5.17
C THR B 122 -1.33 -17.03 -5.39
N VAL B 123 -1.48 -15.96 -4.61
CA VAL B 123 -0.58 -14.83 -4.72
C VAL B 123 -0.02 -14.44 -3.36
N ALA B 124 1.18 -13.86 -3.36
CA ALA B 124 1.83 -13.44 -2.13
C ALA B 124 2.80 -12.30 -2.38
N PHE B 125 3.32 -11.75 -1.29
CA PHE B 125 4.28 -10.65 -1.36
C PHE B 125 5.69 -11.21 -1.23
N HIS B 126 6.61 -10.75 -2.08
CA HIS B 126 7.99 -11.22 -2.01
C HIS B 126 8.93 -10.13 -1.48
N ASP B 127 8.40 -8.91 -1.30
CA ASP B 127 9.21 -7.79 -0.81
C ASP B 127 8.83 -7.20 0.54
N ARG B 128 8.19 -8.00 1.40
CA ARG B 128 7.78 -7.54 2.74
C ARG B 128 8.37 -8.50 3.79
N ARG B 129 9.70 -8.50 3.85
CA ARG B 129 10.44 -9.38 4.74
C ARG B 129 10.53 -8.87 6.19
N ILE B 130 9.75 -9.45 7.08
CA ILE B 130 9.78 -9.05 8.49
C ILE B 130 10.28 -10.24 9.29
N PRO B 131 11.58 -10.26 9.63
CA PRO B 131 12.25 -11.33 10.39
C PRO B 131 11.72 -11.54 11.82
N VAL B 132 10.44 -11.84 11.92
CA VAL B 132 9.80 -12.04 13.19
C VAL B 132 8.89 -13.25 13.12
N PRO B 133 8.76 -13.98 14.24
CA PRO B 133 7.92 -15.19 14.37
C PRO B 133 6.64 -15.29 13.51
N VAL B 134 5.61 -14.48 13.81
CA VAL B 134 4.38 -14.58 13.03
C VAL B 134 4.27 -13.50 11.99
N LEU B 135 4.92 -12.37 12.26
CA LEU B 135 4.93 -11.25 11.35
C LEU B 135 5.52 -11.55 9.98
N ASP B 136 6.40 -12.54 9.89
CA ASP B 136 7.00 -12.86 8.61
C ASP B 136 5.98 -13.54 7.69
N ILE B 137 5.01 -14.23 8.28
CA ILE B 137 3.95 -14.89 7.51
C ILE B 137 2.99 -13.81 7.01
N TYR B 138 2.80 -12.81 7.85
CA TYR B 138 1.95 -11.68 7.52
C TYR B 138 2.59 -10.98 6.34
N GLY B 139 3.90 -10.81 6.44
CA GLY B 139 4.68 -10.15 5.40
C GLY B 139 4.43 -10.76 4.05
N VAL B 140 4.57 -12.09 3.98
CA VAL B 140 4.34 -12.82 2.74
C VAL B 140 2.87 -12.68 2.40
N GLY B 141 2.06 -12.64 3.45
CA GLY B 141 0.63 -12.51 3.31
C GLY B 141 0.08 -13.24 2.10
N MET B 142 0.33 -14.55 2.05
CA MET B 142 -0.12 -15.36 0.92
C MET B 142 -1.62 -15.64 0.99
N ARG B 143 -2.29 -15.64 -0.17
CA ARG B 143 -3.71 -15.95 -0.20
C ARG B 143 -4.17 -16.55 -1.51
N ASN B 144 -5.33 -17.21 -1.47
CA ASN B 144 -5.94 -17.84 -2.66
C ASN B 144 -6.82 -16.89 -3.46
N THR B 145 -7.07 -17.28 -4.72
CA THR B 145 -7.94 -16.50 -5.60
C THR B 145 -9.25 -17.29 -5.65
N PHE B 146 -10.31 -16.68 -6.14
CA PHE B 146 -11.58 -17.39 -6.23
C PHE B 146 -11.43 -18.56 -7.21
N PRO B 147 -11.82 -19.77 -6.79
CA PRO B 147 -11.73 -20.96 -7.63
C PRO B 147 -12.59 -20.95 -8.91
N THR B 148 -11.92 -20.97 -10.06
CA THR B 148 -12.59 -20.97 -11.36
C THR B 148 -12.03 -22.07 -12.29
N PRO B 149 -12.35 -23.35 -11.98
CA PRO B 149 -11.92 -24.53 -12.73
C PRO B 149 -12.55 -24.63 -14.10
N ASN B 150 -13.84 -24.30 -14.19
CA ASN B 150 -14.55 -24.35 -15.47
C ASN B 150 -13.99 -23.34 -16.46
N LEU B 151 -13.49 -22.23 -15.92
CA LEU B 151 -12.88 -21.20 -16.76
C LEU B 151 -11.55 -21.72 -17.31
N ILE B 152 -10.60 -22.05 -16.42
CA ILE B 152 -9.28 -22.54 -16.83
C ILE B 152 -9.41 -23.80 -17.68
N LYS B 153 -10.46 -24.57 -17.42
CA LYS B 153 -10.74 -25.79 -18.15
C LYS B 153 -11.31 -25.43 -19.52
N GLU B 154 -12.48 -24.79 -19.53
CA GLU B 154 -13.12 -24.42 -20.78
C GLU B 154 -12.16 -23.65 -21.67
N LEU B 155 -11.83 -22.43 -21.27
CA LEU B 155 -10.93 -21.57 -22.04
C LEU B 155 -9.50 -22.12 -22.10
N ASN B 156 -9.27 -23.22 -21.39
CA ASN B 156 -7.96 -23.88 -21.39
C ASN B 156 -6.81 -22.89 -21.18
N LEU B 157 -6.76 -22.29 -20.00
CA LEU B 157 -5.73 -21.32 -19.70
C LEU B 157 -4.61 -21.91 -18.85
N LYS B 158 -3.51 -21.15 -18.76
CA LYS B 158 -2.35 -21.53 -17.96
C LYS B 158 -2.59 -21.08 -16.51
N VAL B 159 -2.23 -21.92 -15.55
CA VAL B 159 -2.40 -21.56 -14.14
C VAL B 159 -1.01 -21.46 -13.49
N GLY B 160 -0.86 -20.58 -12.49
CA GLY B 160 0.42 -20.43 -11.84
C GLY B 160 0.30 -19.50 -10.66
N ARG B 161 1.32 -19.50 -9.80
CA ARG B 161 1.34 -18.63 -8.63
C ARG B 161 1.95 -17.27 -8.99
N LEU B 162 1.48 -16.24 -8.29
CA LEU B 162 1.94 -14.89 -8.50
C LEU B 162 2.69 -14.36 -7.28
N SER B 163 3.74 -13.58 -7.53
CA SER B 163 4.51 -12.96 -6.47
C SER B 163 4.43 -11.45 -6.76
N THR B 164 4.17 -10.66 -5.72
CA THR B 164 4.02 -9.22 -5.89
C THR B 164 5.08 -8.42 -5.13
N GLY B 165 5.52 -7.32 -5.72
CA GLY B 165 6.52 -6.47 -5.10
C GLY B 165 6.55 -5.10 -5.74
N ASP B 166 6.86 -4.09 -4.95
CA ASP B 166 6.87 -2.71 -5.44
C ASP B 166 8.04 -2.34 -6.35
N SER B 167 8.90 -3.29 -6.66
CA SER B 167 10.02 -2.99 -7.53
C SER B 167 9.86 -3.75 -8.83
N MET B 168 10.22 -3.10 -9.93
CA MET B 168 10.13 -3.74 -11.22
C MET B 168 11.39 -4.58 -11.45
N ASP B 169 12.49 -4.18 -10.83
CA ASP B 169 13.71 -4.96 -10.97
C ASP B 169 13.53 -6.16 -10.04
N MET B 170 14.63 -6.79 -9.66
CA MET B 170 14.58 -7.93 -8.76
C MET B 170 15.91 -8.12 -8.04
N SER B 171 15.99 -7.75 -6.76
CA SER B 171 17.23 -7.91 -6.01
C SER B 171 17.42 -9.39 -5.72
N PRO B 172 18.61 -9.77 -5.24
CA PRO B 172 18.78 -11.19 -4.94
C PRO B 172 17.81 -11.60 -3.83
N HIS B 173 17.43 -10.63 -3.01
CA HIS B 173 16.48 -10.84 -1.91
C HIS B 173 15.10 -11.15 -2.45
N ASP B 174 14.69 -10.45 -3.49
CA ASP B 174 13.37 -10.68 -4.08
C ASP B 174 13.36 -12.06 -4.72
N GLU B 175 14.45 -12.38 -5.40
CA GLU B 175 14.61 -13.67 -6.07
C GLU B 175 14.41 -14.86 -5.14
N GLU B 176 15.04 -14.81 -3.96
CA GLU B 176 14.90 -15.91 -3.01
C GLU B 176 13.47 -16.07 -2.52
N SER B 177 12.80 -14.95 -2.24
CA SER B 177 11.42 -14.99 -1.77
C SER B 177 10.45 -15.44 -2.86
N ILE B 178 10.62 -14.91 -4.08
CA ILE B 178 9.77 -15.30 -5.20
C ILE B 178 9.90 -16.80 -5.39
N THR B 179 11.07 -17.32 -5.02
CA THR B 179 11.38 -18.73 -5.13
C THR B 179 10.69 -19.51 -4.01
N ALA B 180 10.60 -18.89 -2.83
CA ALA B 180 9.93 -19.50 -1.67
C ALA B 180 8.40 -19.43 -1.83
N ASN B 181 7.95 -18.61 -2.76
CA ASN B 181 6.52 -18.46 -3.05
C ASN B 181 6.20 -19.39 -4.22
N ASP B 182 7.25 -19.87 -4.90
CA ASP B 182 7.10 -20.76 -6.04
C ASP B 182 6.35 -20.07 -7.18
N ALA B 183 6.49 -18.75 -7.26
CA ALA B 183 5.81 -17.94 -8.27
C ALA B 183 6.23 -18.23 -9.71
N THR B 184 5.26 -18.23 -10.61
CA THR B 184 5.52 -18.46 -12.01
C THR B 184 5.49 -17.10 -12.70
N VAL B 185 4.63 -16.21 -12.19
CA VAL B 185 4.47 -14.87 -12.71
C VAL B 185 4.88 -13.85 -11.63
N LYS B 186 5.28 -12.65 -12.07
CA LYS B 186 5.75 -11.60 -11.16
C LYS B 186 5.15 -10.24 -11.52
N ASP B 187 4.61 -9.53 -10.51
CA ASP B 187 4.01 -8.22 -10.76
C ASP B 187 4.12 -7.28 -9.56
N MET B 188 3.50 -6.09 -9.69
CA MET B 188 3.55 -5.07 -8.65
C MET B 188 2.27 -4.72 -7.89
N GLU B 189 1.16 -5.41 -8.13
CA GLU B 189 -0.05 -5.04 -7.41
C GLU B 189 -1.00 -6.15 -6.98
N GLY B 190 -1.02 -7.25 -7.72
CA GLY B 190 -1.91 -8.36 -7.43
C GLY B 190 -2.16 -8.73 -5.98
N ALA B 191 -1.09 -9.00 -5.24
CA ALA B 191 -1.18 -9.40 -3.84
C ALA B 191 -1.93 -8.35 -3.02
N ALA B 192 -1.72 -7.09 -3.35
CA ALA B 192 -2.37 -5.97 -2.65
C ALA B 192 -3.87 -5.95 -2.92
N VAL B 193 -4.25 -6.18 -4.18
CA VAL B 193 -5.67 -6.19 -4.52
C VAL B 193 -6.37 -7.30 -3.75
N ALA B 194 -5.82 -8.50 -3.84
CA ALA B 194 -6.39 -9.68 -3.18
C ALA B 194 -6.59 -9.45 -1.69
N TYR B 195 -5.73 -8.66 -1.10
CA TYR B 195 -5.85 -8.40 0.32
C TYR B 195 -7.12 -7.64 0.64
N VAL B 196 -7.34 -6.51 -0.06
CA VAL B 196 -8.52 -5.70 0.20
C VAL B 196 -9.82 -6.50 -0.07
N ALA B 197 -9.96 -7.05 -1.27
CA ALA B 197 -11.15 -7.80 -1.63
C ALA B 197 -11.45 -8.93 -0.64
N ASP B 198 -10.39 -9.44 -0.04
CA ASP B 198 -10.48 -10.53 0.92
C ASP B 198 -11.11 -10.08 2.24
N ILE B 199 -10.95 -8.80 2.59
CA ILE B 199 -11.52 -8.32 3.85
C ILE B 199 -13.02 -8.18 3.68
N PHE B 200 -13.44 -7.73 2.50
CA PHE B 200 -14.86 -7.58 2.20
C PHE B 200 -15.35 -8.89 1.62
N LYS B 201 -14.52 -9.92 1.75
CA LYS B 201 -14.84 -11.26 1.26
C LYS B 201 -15.57 -11.29 -0.09
N VAL B 202 -15.07 -10.55 -1.08
CA VAL B 202 -15.70 -10.56 -2.40
C VAL B 202 -14.86 -11.41 -3.38
N PRO B 203 -15.53 -12.28 -4.18
CA PRO B 203 -14.89 -13.15 -5.17
C PRO B 203 -13.85 -12.37 -5.97
N THR B 204 -12.66 -12.96 -6.12
CA THR B 204 -11.57 -12.27 -6.81
C THR B 204 -10.77 -13.14 -7.76
N ILE B 205 -10.44 -12.58 -8.92
CA ILE B 205 -9.67 -13.30 -9.93
C ILE B 205 -8.52 -12.44 -10.45
N LEU B 206 -7.35 -13.05 -10.64
CA LEU B 206 -6.20 -12.32 -11.14
C LEU B 206 -5.70 -12.93 -12.41
N ILE B 207 -5.64 -12.12 -13.47
CA ILE B 207 -5.18 -12.58 -14.77
C ILE B 207 -3.95 -11.80 -15.21
N LYS B 208 -2.87 -12.50 -15.53
CA LYS B 208 -1.63 -11.85 -15.92
C LYS B 208 -1.04 -12.22 -17.29
N GLY B 209 -0.70 -11.20 -18.08
CA GLY B 209 -0.10 -11.42 -19.38
C GLY B 209 1.40 -11.24 -19.31
N VAL B 210 2.16 -12.30 -19.59
CA VAL B 210 3.63 -12.26 -19.52
C VAL B 210 4.29 -11.43 -20.62
N THR B 211 4.94 -10.35 -20.25
CA THR B 211 5.57 -9.49 -21.23
C THR B 211 7.09 -9.55 -21.16
N ASP B 212 7.60 -10.05 -20.05
CA ASP B 212 9.04 -10.11 -19.87
C ASP B 212 9.46 -11.38 -19.14
N ILE B 213 10.50 -12.04 -19.64
CA ILE B 213 10.99 -13.25 -18.99
C ILE B 213 12.10 -12.80 -18.06
N VAL B 214 11.79 -12.81 -16.76
CA VAL B 214 12.71 -12.37 -15.71
C VAL B 214 14.00 -13.17 -15.56
N ASP B 215 13.93 -14.49 -15.61
CA ASP B 215 15.13 -15.32 -15.48
C ASP B 215 15.73 -15.59 -16.85
N GLY B 216 15.44 -14.69 -17.80
CA GLY B 216 15.96 -14.83 -19.15
C GLY B 216 17.16 -13.93 -19.42
N ASN B 217 17.63 -13.95 -20.66
CA ASN B 217 18.77 -13.15 -21.07
C ASN B 217 18.38 -11.68 -21.30
N ARG B 218 17.59 -11.44 -22.34
CA ARG B 218 17.13 -10.09 -22.67
C ARG B 218 16.62 -9.43 -21.40
N PRO B 219 17.06 -8.19 -21.12
CA PRO B 219 16.71 -7.34 -19.97
C PRO B 219 15.24 -7.28 -19.54
N THR B 220 14.96 -6.71 -18.37
CA THR B 220 13.59 -6.60 -17.85
C THR B 220 12.85 -5.31 -18.25
N SER B 221 13.57 -4.35 -18.84
CA SER B 221 12.95 -3.10 -19.23
C SER B 221 12.70 -2.90 -20.72
N GLU B 222 13.57 -3.44 -21.57
CA GLU B 222 13.37 -3.28 -23.02
C GLU B 222 12.50 -4.37 -23.62
N GLU B 223 12.54 -5.55 -23.03
CA GLU B 223 11.72 -6.66 -23.52
C GLU B 223 10.25 -6.36 -23.14
N PHE B 224 10.08 -5.64 -22.04
CA PHE B 224 8.77 -5.24 -21.53
C PHE B 224 8.11 -4.25 -22.49
N LEU B 225 8.88 -3.27 -22.96
CA LEU B 225 8.35 -2.24 -23.86
C LEU B 225 8.01 -2.69 -25.29
N GLU B 226 8.87 -3.48 -25.93
CA GLU B 226 8.59 -3.93 -27.30
C GLU B 226 7.45 -4.94 -27.37
N ASN B 227 6.95 -5.34 -26.20
CA ASN B 227 5.86 -6.30 -26.11
C ASN B 227 4.58 -5.81 -25.40
N LEU B 228 4.67 -4.68 -24.67
CA LEU B 228 3.49 -4.13 -23.98
C LEU B 228 2.46 -3.71 -25.02
N ALA B 229 2.61 -4.27 -26.22
CA ALA B 229 1.67 -4.00 -27.30
C ALA B 229 1.21 -5.37 -27.78
N ALA B 230 2.17 -6.23 -28.12
CA ALA B 230 1.88 -7.58 -28.61
C ALA B 230 1.12 -8.41 -27.58
N VAL B 231 1.54 -8.33 -26.33
CA VAL B 231 0.89 -9.07 -25.27
C VAL B 231 -0.35 -8.34 -24.77
N THR B 232 -0.22 -7.03 -24.56
CA THR B 232 -1.35 -6.22 -24.09
C THR B 232 -2.54 -6.48 -25.02
N ALA B 233 -2.21 -6.91 -26.23
CA ALA B 233 -3.22 -7.23 -27.23
C ALA B 233 -3.79 -8.61 -26.92
N LYS B 234 -2.91 -9.61 -26.81
CA LYS B 234 -3.32 -10.98 -26.51
C LYS B 234 -4.08 -11.00 -25.18
N LEU B 235 -3.67 -10.14 -24.25
CA LEU B 235 -4.33 -10.06 -22.95
C LEU B 235 -5.78 -9.64 -23.16
N ASP B 236 -5.97 -8.57 -23.93
CA ASP B 236 -7.31 -8.07 -24.24
C ASP B 236 -8.18 -9.19 -24.80
N GLU B 237 -7.78 -9.74 -25.95
CA GLU B 237 -8.50 -10.83 -26.59
C GLU B 237 -8.95 -11.87 -25.55
N SER B 238 -8.07 -12.14 -24.59
CA SER B 238 -8.33 -13.11 -23.53
C SER B 238 -9.35 -12.66 -22.51
N LEU B 239 -9.24 -11.42 -22.04
CA LEU B 239 -10.18 -10.91 -21.05
C LEU B 239 -11.60 -10.93 -21.61
N THR B 240 -11.73 -10.56 -22.87
CA THR B 240 -13.03 -10.54 -23.53
C THR B 240 -13.68 -11.92 -23.42
N LYS B 241 -12.98 -12.94 -23.88
CA LYS B 241 -13.48 -14.30 -23.83
C LYS B 241 -13.76 -14.74 -22.38
N VAL B 242 -13.09 -14.11 -21.41
CA VAL B 242 -13.33 -14.44 -20.01
C VAL B 242 -14.66 -13.82 -19.60
N ILE B 243 -14.89 -12.57 -20.00
CA ILE B 243 -16.12 -11.84 -19.68
C ILE B 243 -17.26 -12.62 -20.31
N ASP B 244 -17.02 -13.01 -21.55
CA ASP B 244 -17.96 -13.75 -22.35
C ASP B 244 -18.38 -15.06 -21.70
N PHE B 245 -17.44 -15.69 -20.99
CA PHE B 245 -17.66 -16.96 -20.32
C PHE B 245 -18.48 -16.81 -19.06
N ILE B 246 -18.22 -15.73 -18.33
CA ILE B 246 -18.92 -15.47 -17.08
C ILE B 246 -20.37 -15.07 -17.33
N SER B 247 -20.57 -14.20 -18.32
CA SER B 247 -21.90 -13.70 -18.67
C SER B 247 -22.96 -14.80 -18.62
N GLY B 248 -23.91 -14.66 -17.71
CA GLY B 248 -24.98 -15.64 -17.58
C GLY B 248 -24.82 -16.63 -16.45
N LYS B 249 -23.60 -16.78 -15.93
CA LYS B 249 -23.33 -17.73 -14.85
C LYS B 249 -23.46 -17.21 -13.40
N CYS B 250 -23.34 -18.13 -12.45
CA CYS B 250 -23.38 -17.83 -11.02
C CYS B 250 -21.95 -17.97 -10.54
N LEU B 251 -21.63 -17.38 -9.38
CA LEU B 251 -20.26 -17.44 -8.86
C LEU B 251 -19.74 -18.85 -8.66
N SER B 252 -20.64 -19.82 -8.76
CA SER B 252 -20.24 -21.21 -8.58
C SER B 252 -20.07 -21.92 -9.93
N ASP B 253 -20.68 -21.38 -10.97
CA ASP B 253 -20.59 -22.00 -12.28
C ASP B 253 -19.24 -21.71 -12.94
N LEU B 254 -18.44 -20.87 -12.28
CA LEU B 254 -17.13 -20.49 -12.78
C LEU B 254 -16.13 -21.64 -12.67
#